data_7HJO
#
_entry.id   7HJO
#
_cell.length_a   26.285
_cell.length_b   47.316
_cell.length_c   46.410
_cell.angle_alpha   90.000
_cell.angle_beta   103.980
_cell.angle_gamma   90.000
#
_symmetry.space_group_name_H-M   'P 1 21 1'
#
loop_
_entity.id
_entity.type
_entity.pdbx_description
1 polymer 'De novo designed ABLE protein'
2 non-polymer '6-methyl-1H-indole-3-carboxylic acid'
3 water water
#
_entity_poly.entity_id   1
_entity_poly.type   'polypeptide(L)'
_entity_poly.pdbx_seq_one_letter_code
;SVKSEYAEAAAVGQEAVAVFNTMKAAFQNGDKEAVAQYLARLASLYTRHEELLNRILEKARREGNKEAVTLMNEFTATFQ
TGKSIFNAMVAAFKNGDDDSFESYLQALEKVTAKGETLADQIAKAL
;
_entity_poly.pdbx_strand_id   A
#
loop_
_chem_comp.id
_chem_comp.type
_chem_comp.name
_chem_comp.formula
WB1 non-polymer '6-methyl-1H-indole-3-carboxylic acid' 'C10 H9 N O2'
#
# COMPACT_ATOMS: atom_id res chain seq x y z
N SER A 1 8.79 9.42 -17.17
N SER A 1 8.79 9.76 -16.82
CA SER A 1 8.55 8.04 -17.65
CA SER A 1 8.34 8.50 -17.45
C SER A 1 7.71 7.26 -16.65
C SER A 1 7.60 7.63 -16.45
N VAL A 2 7.23 6.09 -17.08
N VAL A 2 7.21 6.42 -16.87
CA VAL A 2 6.47 5.22 -16.18
CA VAL A 2 6.56 5.51 -15.94
C VAL A 2 7.35 4.67 -15.08
C VAL A 2 7.47 5.25 -14.73
N LYS A 3 8.67 4.60 -15.31
N LYS A 3 8.78 5.42 -14.89
CA LYS A 3 9.58 4.12 -14.27
CA LYS A 3 9.70 5.21 -13.77
C LYS A 3 9.81 5.17 -13.20
C LYS A 3 9.67 6.36 -12.76
N SER A 4 9.91 6.43 -13.59
N SER A 4 9.54 7.62 -13.18
CA SER A 4 10.03 7.50 -12.61
CA SER A 4 9.34 8.66 -12.17
C SER A 4 8.73 7.70 -11.86
C SER A 4 8.01 8.43 -11.45
N GLU A 5 7.58 7.49 -12.52
N GLU A 5 7.02 7.86 -12.15
CA GLU A 5 6.31 7.57 -11.84
CA GLU A 5 5.76 7.55 -11.51
C GLU A 5 6.11 6.42 -10.87
C GLU A 5 5.94 6.37 -10.56
N TYR A 6 6.82 5.31 -11.05
N TYR A 6 6.74 5.38 -10.96
CA TYR A 6 6.76 4.20 -10.11
CA TYR A 6 7.07 4.29 -10.03
C TYR A 6 7.59 4.49 -8.87
C TYR A 6 7.76 4.83 -8.79
N ALA A 7 8.74 5.14 -9.04
N ALA A 7 8.73 5.72 -8.98
CA ALA A 7 9.55 5.54 -7.88
CA ALA A 7 9.48 6.22 -7.84
C ALA A 7 8.81 6.56 -7.03
C ALA A 7 8.57 6.97 -6.88
N GLU A 8 8.02 7.44 -7.67
N GLU A 8 7.61 7.75 -7.40
CA GLU A 8 7.20 8.38 -6.93
CA GLU A 8 6.68 8.42 -6.48
C GLU A 8 6.09 7.66 -6.18
C GLU A 8 5.77 7.42 -5.78
N ALA A 9 5.50 6.64 -6.80
N ALA A 9 5.26 6.42 -6.51
CA ALA A 9 4.50 5.84 -6.10
CA ALA A 9 4.47 5.37 -5.87
C ALA A 9 5.13 5.01 -5.00
C ALA A 9 5.28 4.65 -4.80
N ALA A 10 6.36 4.55 -5.19
N ALA A 10 6.54 4.32 -5.07
CA ALA A 10 7.05 3.80 -4.14
CA ALA A 10 7.34 3.65 -4.05
C ALA A 10 7.39 4.69 -2.96
C ALA A 10 7.54 4.54 -2.84
N ALA A 11 7.66 5.97 -3.19
N ALA A 11 7.75 5.83 -3.07
CA ALA A 11 7.94 6.89 -2.08
CA ALA A 11 7.96 6.73 -1.93
C ALA A 11 6.69 7.16 -1.27
C ALA A 11 6.69 6.90 -1.11
N VAL A 12 5.53 7.24 -1.93
N VAL A 12 5.54 7.02 -1.75
CA VAL A 12 4.28 7.40 -1.20
CA VAL A 12 4.27 7.05 -1.02
C VAL A 12 3.99 6.18 -0.35
C VAL A 12 4.08 5.78 -0.20
N GLY A 13 4.29 4.99 -0.88
N GLY A 13 4.38 4.60 -0.80
CA GLY A 13 4.09 3.78 -0.10
CA GLY A 13 4.33 3.39 -0.02
C GLY A 13 5.01 3.71 1.11
C GLY A 13 5.23 3.44 1.21
N GLN A 14 6.24 4.21 0.97
N GLN A 14 6.43 4.04 1.05
CA GLN A 14 7.16 4.22 2.10
CA GLN A 14 7.35 4.14 2.19
C GLN A 14 6.76 5.26 3.13
C GLN A 14 6.83 5.10 3.24
N GLU A 15 6.11 6.35 2.70
N GLU A 15 6.20 6.19 2.81
CA GLU A 15 5.57 7.30 3.66
CA GLU A 15 5.61 7.12 3.75
C GLU A 15 4.45 6.69 4.49
C GLU A 15 4.52 6.44 4.56
N ALA A 16 3.67 5.78 3.89
N ALA A 16 3.74 5.60 3.90
CA ALA A 16 2.63 5.10 4.66
CA ALA A 16 2.70 4.87 4.61
C ALA A 16 3.22 4.10 5.64
C ALA A 16 3.30 3.91 5.64
N VAL A 17 4.34 3.46 5.28
N VAL A 17 4.40 3.23 5.30
CA VAL A 17 5.00 2.55 6.21
CA VAL A 17 5.10 2.44 6.31
C VAL A 17 5.49 3.32 7.44
C VAL A 17 5.53 3.30 7.49
N ALA A 18 6.11 4.48 7.21
CA ALA A 18 6.55 5.33 8.31
C ALA A 18 5.39 5.73 9.21
N VAL A 19 4.30 6.22 8.61
N VAL A 19 4.30 6.20 8.61
CA VAL A 19 3.16 6.67 9.40
CA VAL A 19 3.18 6.66 9.42
C VAL A 19 2.49 5.48 10.08
C VAL A 19 2.54 5.49 10.14
N PHE A 20 2.52 4.30 9.45
N PHE A 20 2.46 4.33 9.48
CA PHE A 20 1.96 3.11 10.07
CA PHE A 20 1.90 3.14 10.14
C PHE A 20 2.72 2.72 11.33
C PHE A 20 2.69 2.76 11.38
N ASN A 21 4.05 2.78 11.27
N ASN A 21 4.02 2.76 11.29
CA ASN A 21 4.86 2.40 12.42
CA ASN A 21 4.81 2.39 12.44
C ASN A 21 4.72 3.40 13.55
C ASN A 21 4.67 3.41 13.56
N THR A 22 4.58 4.69 13.23
CA THR A 22 4.31 5.68 14.27
C THR A 22 2.96 5.42 14.91
N MET A 23 1.97 5.06 14.08
N MET A 23 1.98 5.05 14.10
CA MET A 23 0.62 4.81 14.59
CA MET A 23 0.64 4.81 14.59
C MET A 23 0.59 3.58 15.50
C MET A 23 0.59 3.58 15.48
N LYS A 24 1.32 2.52 15.11
CA LYS A 24 1.39 1.33 15.95
C LYS A 24 1.95 1.70 17.32
N ALA A 25 2.99 2.51 17.37
CA ALA A 25 3.53 2.94 18.66
C ALA A 25 2.49 3.72 19.46
N ALA A 26 1.76 4.59 18.79
CA ALA A 26 0.76 5.40 19.47
C ALA A 26 -0.37 4.52 19.97
N PHE A 27 -0.75 3.51 19.19
CA PHE A 27 -1.78 2.56 19.63
C PHE A 27 -1.30 1.81 20.87
N GLN A 28 -0.06 1.30 20.84
CA GLN A 28 0.44 0.56 21.99
C GLN A 28 0.47 1.44 23.22
N ASN A 29 0.80 2.73 23.06
N ASN A 29 0.79 2.73 23.05
CA ASN A 29 0.88 3.65 24.18
CA ASN A 29 0.88 3.69 24.15
C ASN A 29 -0.47 4.16 24.66
C ASN A 29 -0.46 4.25 24.59
N GLY A 30 -1.55 3.93 23.90
CA GLY A 30 -2.85 4.40 24.30
C GLY A 30 -3.22 5.82 23.92
N ASP A 31 -2.48 6.42 22.98
CA ASP A 31 -2.70 7.79 22.52
C ASP A 31 -3.72 7.72 21.38
N LYS A 32 -5.00 7.71 21.76
N LYS A 32 -5.01 7.68 21.75
CA LYS A 32 -6.05 7.48 20.77
CA LYS A 32 -6.05 7.47 20.74
C LYS A 32 -6.27 8.69 19.88
C LYS A 32 -6.21 8.67 19.82
N GLU A 33 -5.98 9.90 20.37
N GLU A 33 -6.04 9.90 20.33
CA GLU A 33 -6.12 11.08 19.52
CA GLU A 33 -6.14 11.08 19.48
C GLU A 33 -5.09 11.08 18.40
C GLU A 33 -5.09 11.04 18.37
N ALA A 34 -3.87 10.63 18.70
CA ALA A 34 -2.84 10.47 17.65
C ALA A 34 -3.23 9.39 16.67
N VAL A 35 -3.67 8.23 17.18
CA VAL A 35 -4.04 7.15 16.28
C VAL A 35 -5.10 7.64 15.28
N ALA A 36 -6.09 8.39 15.76
CA ALA A 36 -7.14 8.87 14.84
C ALA A 36 -6.52 9.70 13.70
N GLN A 37 -5.59 10.59 14.04
N GLN A 37 -5.58 10.56 14.03
CA GLN A 37 -4.99 11.44 13.02
CA GLN A 37 -5.00 11.41 13.00
C GLN A 37 -4.10 10.64 12.07
C GLN A 37 -4.13 10.60 12.07
N TYR A 38 -3.35 9.67 12.61
CA TYR A 38 -2.54 8.83 11.74
C TYR A 38 -3.42 7.97 10.82
N LEU A 39 -4.54 7.42 11.33
CA LEU A 39 -5.42 6.67 10.44
C LEU A 39 -5.94 7.52 9.30
N ALA A 40 -6.25 8.80 9.57
N ALA A 40 -6.31 8.78 9.58
CA ALA A 40 -6.68 9.70 8.50
CA ALA A 40 -6.81 9.66 8.52
C ALA A 40 -5.54 9.99 7.53
C ALA A 40 -5.74 9.92 7.48
N ARG A 41 -4.31 10.15 8.05
N ARG A 41 -4.50 10.16 7.93
CA ARG A 41 -3.16 10.36 7.19
CA ARG A 41 -3.40 10.39 7.01
C ARG A 41 -2.90 9.14 6.31
C ARG A 41 -3.06 9.12 6.21
N LEU A 42 -3.15 7.95 6.85
CA LEU A 42 -2.95 6.71 6.10
C LEU A 42 -4.02 6.53 5.04
N ALA A 43 -5.27 6.89 5.35
CA ALA A 43 -6.32 6.75 4.34
C ALA A 43 -5.97 7.59 3.11
N SER A 44 -5.50 8.81 3.33
N SER A 44 -5.53 8.82 3.33
CA SER A 44 -5.15 9.68 2.22
CA SER A 44 -5.14 9.68 2.24
C SER A 44 -3.92 9.16 1.47
C SER A 44 -3.96 9.12 1.47
N LEU A 45 -2.94 8.61 2.19
N LEU A 45 -2.94 8.63 2.18
CA LEU A 45 -1.75 8.08 1.54
CA LEU A 45 -1.79 8.03 1.52
C LEU A 45 -2.08 6.82 0.74
C LEU A 45 -2.20 6.81 0.69
N TYR A 46 -2.94 5.96 1.27
N TYR A 46 -3.08 5.94 1.20
CA TYR A 46 -3.33 4.76 0.54
CA TYR A 46 -3.46 4.77 0.42
C TYR A 46 -4.19 5.10 -0.68
C TYR A 46 -4.27 5.16 -0.81
N THR A 47 -5.01 6.14 -0.58
N THR A 47 -5.12 6.18 -0.68
CA THR A 47 -5.80 6.57 -1.72
CA THR A 47 -5.85 6.70 -1.85
C THR A 47 -4.91 7.15 -2.81
C THR A 47 -4.88 7.20 -2.91
N ARG A 48 -3.92 7.97 -2.43
N ARG A 48 -3.87 7.97 -2.51
CA ARG A 48 -2.97 8.50 -3.40
CA ARG A 48 -2.86 8.45 -3.47
C ARG A 48 -2.15 7.38 -4.04
C ARG A 48 -2.09 7.29 -4.07
N HIS A 49 -1.73 6.40 -3.22
N HIS A 49 -1.67 6.34 -3.24
CA HIS A 49 -0.92 5.32 -3.76
CA HIS A 49 -0.89 5.22 -3.74
C HIS A 49 -1.73 4.43 -4.70
C HIS A 49 -1.67 4.46 -4.81
N GLU A 50 -3.00 4.20 -4.38
N GLU A 50 -2.96 4.22 -4.53
CA GLU A 50 -3.85 3.37 -5.24
CA GLU A 50 -3.80 3.48 -5.47
C GLU A 50 -4.09 4.05 -6.57
C GLU A 50 -3.94 4.25 -6.77
N GLU A 51 -4.19 5.38 -6.59
N GLU A 51 -4.07 5.58 -6.69
CA GLU A 51 -4.44 6.08 -7.84
CA GLU A 51 -4.15 6.40 -7.89
C GLU A 51 -3.20 6.11 -8.72
C GLU A 51 -2.88 6.22 -8.74
N LEU A 52 -2.02 6.22 -8.09
N LEU A 52 -1.72 6.28 -8.11
CA LEU A 52 -0.77 6.20 -8.87
CA LEU A 52 -0.47 6.14 -8.85
C LEU A 52 -0.52 4.81 -9.45
C LEU A 52 -0.32 4.74 -9.44
N LEU A 53 -0.83 3.75 -8.70
N LEU A 53 -0.69 3.71 -8.67
CA LEU A 53 -0.60 2.40 -9.19
CA LEU A 53 -0.60 2.35 -9.17
C LEU A 53 -1.52 2.09 -10.36
C LEU A 53 -1.49 2.16 -10.38
N ASN A 54 -2.75 2.60 -10.34
N ASN A 54 -2.67 2.77 -10.35
CA ASN A 54 -3.65 2.39 -11.47
CA ASN A 54 -3.58 2.61 -11.50
C ASN A 54 -3.14 3.07 -12.73
C ASN A 54 -3.03 3.31 -12.73
N ARG A 55 -2.63 4.30 -12.59
N ARG A 55 -2.45 4.51 -12.58
CA ARG A 55 -2.09 5.01 -13.74
CA ARG A 55 -1.81 5.18 -13.72
C ARG A 55 -0.88 4.29 -14.32
C ARG A 55 -0.66 4.36 -14.28
N ILE A 56 0.00 3.77 -13.44
N ILE A 56 0.17 3.78 -13.41
CA ILE A 56 1.16 3.01 -13.90
CA ILE A 56 1.27 2.93 -13.87
C ILE A 56 0.72 1.77 -14.65
C ILE A 56 0.73 1.75 -14.66
N LEU A 57 -0.28 1.06 -14.12
CA LEU A 57 -0.82 -0.12 -14.79
C LEU A 57 -1.43 0.24 -16.13
N GLU A 58 -2.27 1.28 -16.15
N GLU A 58 -2.22 1.31 -16.16
CA GLU A 58 -2.91 1.67 -17.40
CA GLU A 58 -2.81 1.73 -17.43
C GLU A 58 -1.87 2.11 -18.43
C GLU A 58 -1.73 2.09 -18.44
N LYS A 59 -0.76 2.67 -17.97
N LYS A 59 -0.66 2.77 -18.02
CA LYS A 59 0.31 3.07 -18.90
CA LYS A 59 0.41 3.11 -18.95
C LYS A 59 1.06 1.86 -19.43
C LYS A 59 1.08 1.84 -19.45
N ALA A 60 1.32 0.87 -18.56
CA ALA A 60 1.94 -0.37 -19.01
C ALA A 60 1.06 -1.07 -20.04
N ARG A 61 -0.25 -1.07 -19.82
N ARG A 61 -0.26 -1.09 -19.81
CA ARG A 61 -1.17 -1.70 -20.77
CA ARG A 61 -1.18 -1.71 -20.76
C ARG A 61 -1.14 -1.01 -22.12
C ARG A 61 -1.09 -1.00 -22.12
N ARG A 62 -1.15 0.33 -22.12
CA ARG A 62 -1.10 1.07 -23.38
C ARG A 62 0.22 0.84 -24.12
N GLU A 63 1.30 0.63 -23.38
N GLU A 63 1.29 0.57 -23.41
CA GLU A 63 2.65 0.45 -23.90
CA GLU A 63 2.55 0.18 -24.01
C GLU A 63 2.94 -0.99 -24.33
C GLU A 63 2.54 -1.26 -24.47
N GLY A 64 1.99 -1.90 -24.17
N GLY A 64 1.59 -2.07 -24.03
CA GLY A 64 2.22 -3.28 -24.55
CA GLY A 64 1.68 -3.49 -24.34
C GLY A 64 3.26 -4.00 -23.72
C GLY A 64 2.82 -4.21 -23.65
N ASN A 65 3.49 -3.54 -22.48
N ASN A 65 3.28 -3.69 -22.51
CA ASN A 65 4.47 -4.17 -21.60
CA ASN A 65 4.37 -4.25 -21.70
C ASN A 65 3.77 -5.30 -20.87
C ASN A 65 3.77 -5.39 -20.90
N LYS A 66 3.79 -6.49 -21.47
N LYS A 66 3.73 -6.58 -21.49
CA LYS A 66 3.02 -7.61 -20.94
CA LYS A 66 3.01 -7.70 -20.90
C LYS A 66 3.50 -8.03 -19.56
C LYS A 66 3.53 -8.06 -19.51
N GLU A 67 4.82 -8.13 -19.36
N GLU A 67 4.86 -8.08 -19.32
CA GLU A 67 5.33 -8.61 -18.08
CA GLU A 67 5.36 -8.51 -18.00
C GLU A 67 5.03 -7.62 -16.97
C GLU A 67 5.02 -7.48 -16.95
N ALA A 68 5.15 -6.32 -17.25
N ALA A 68 5.17 -6.20 -17.24
CA ALA A 68 4.83 -5.33 -16.23
CA ALA A 68 4.79 -5.19 -16.26
C ALA A 68 3.35 -5.32 -15.89
C ALA A 68 3.30 -5.28 -15.93
N VAL A 69 2.49 -5.54 -16.89
N VAL A 69 2.46 -5.53 -16.93
CA VAL A 69 1.06 -5.60 -16.64
CA VAL A 69 1.03 -5.62 -16.69
C VAL A 69 0.72 -6.78 -15.75
C VAL A 69 0.74 -6.77 -15.74
N THR A 70 1.36 -7.92 -15.99
CA THR A 70 1.14 -9.09 -15.15
C THR A 70 1.52 -8.80 -13.70
N LEU A 71 2.73 -8.26 -13.49
N LEU A 71 2.74 -8.28 -13.47
CA LEU A 71 3.19 -7.99 -12.14
CA LEU A 71 3.20 -7.98 -12.13
C LEU A 71 2.35 -6.91 -11.47
C LEU A 71 2.33 -6.93 -11.47
N MET A 72 1.93 -5.89 -12.24
CA MET A 72 1.11 -4.83 -11.66
C MET A 72 -0.30 -5.36 -11.32
N ASN A 73 -0.85 -6.26 -12.13
N ASN A 73 -0.86 -6.25 -12.14
CA ASN A 73 -2.12 -6.88 -11.79
CA ASN A 73 -2.14 -6.85 -11.75
C ASN A 73 -2.01 -7.66 -10.48
C ASN A 73 -2.00 -7.63 -10.45
N GLU A 74 -0.93 -8.41 -10.31
CA GLU A 74 -0.73 -9.17 -9.08
C GLU A 74 -0.53 -8.23 -7.90
N PHE A 75 0.24 -7.17 -8.10
N PHE A 75 0.34 -7.24 -8.07
CA PHE A 75 0.51 -6.22 -7.03
CA PHE A 75 0.59 -6.32 -6.97
C PHE A 75 -0.75 -5.44 -6.65
C PHE A 75 -0.68 -5.59 -6.56
N THR A 76 -1.54 -5.02 -7.64
N THR A 76 -1.47 -5.14 -7.52
CA THR A 76 -2.74 -4.25 -7.33
CA THR A 76 -2.64 -4.36 -7.15
C THR A 76 -3.80 -5.11 -6.64
C THR A 76 -3.67 -5.24 -6.47
N ALA A 77 -3.84 -6.41 -6.95
N ALA A 77 -3.74 -6.53 -6.82
CA ALA A 77 -4.75 -7.30 -6.25
CA ALA A 77 -4.69 -7.39 -6.11
C ALA A 77 -4.34 -7.45 -4.78
C ALA A 77 -4.30 -7.52 -4.64
N THR A 78 -3.03 -7.57 -4.53
N THR A 78 -3.00 -7.67 -4.37
CA THR A 78 -2.55 -7.63 -3.16
CA THR A 78 -2.54 -7.77 -2.99
C THR A 78 -2.79 -6.31 -2.44
C THR A 78 -2.74 -6.44 -2.26
N PHE A 79 -2.77 -5.19 -3.17
N PHE A 79 -2.48 -5.34 -2.97
CA PHE A 79 -3.05 -3.90 -2.55
CA PHE A 79 -2.73 -4.03 -2.41
C PHE A 79 -4.48 -3.83 -2.03
C PHE A 79 -4.18 -3.90 -1.94
N GLN A 80 -5.43 -4.42 -2.77
N GLN A 80 -5.13 -4.38 -2.76
CA GLN A 80 -6.82 -4.40 -2.32
CA GLN A 80 -6.55 -4.30 -2.41
C GLN A 80 -7.00 -5.27 -1.07
C GLN A 80 -6.88 -5.14 -1.18
N THR A 81 -6.24 -6.36 -0.96
N THR A 81 -6.22 -6.30 -1.02
CA THR A 81 -6.28 -7.15 0.27
CA THR A 81 -6.35 -7.03 0.24
C THR A 81 -5.82 -6.30 1.46
C THR A 81 -5.91 -6.18 1.42
N GLY A 82 -4.76 -5.51 1.27
CA GLY A 82 -4.29 -4.66 2.34
C GLY A 82 -5.28 -3.55 2.63
N LYS A 83 -5.89 -2.99 1.59
N LYS A 83 -5.88 -2.97 1.60
CA LYS A 83 -6.86 -1.91 1.80
CA LYS A 83 -6.84 -1.91 1.85
C LYS A 83 -8.08 -2.41 2.57
C LYS A 83 -8.07 -2.42 2.60
N SER A 84 -8.55 -3.62 2.24
CA SER A 84 -9.67 -4.21 2.97
C SER A 84 -9.31 -4.40 4.44
N ILE A 85 -8.11 -4.87 4.70
CA ILE A 85 -7.66 -5.04 6.08
C ILE A 85 -7.55 -3.68 6.78
N PHE A 86 -7.00 -2.69 6.09
N PHE A 86 -7.00 -2.69 6.09
CA PHE A 86 -6.88 -1.37 6.69
CA PHE A 86 -6.94 -1.34 6.64
C PHE A 86 -8.25 -0.78 7.01
C PHE A 86 -8.33 -0.84 7.01
N ASN A 87 -9.23 -1.00 6.12
N ASN A 87 -9.27 -0.97 6.08
CA ASN A 87 -10.57 -0.50 6.39
CA ASN A 87 -10.63 -0.53 6.38
C ASN A 87 -11.22 -1.24 7.56
C ASN A 87 -11.17 -1.22 7.61
N ALA A 88 -10.91 -2.53 7.74
CA ALA A 88 -11.40 -3.22 8.93
C ALA A 88 -10.72 -2.69 10.19
N MET A 89 -9.44 -2.35 10.11
CA MET A 89 -8.73 -1.74 11.23
C MET A 89 -9.38 -0.43 11.64
N VAL A 90 -9.70 0.40 10.66
CA VAL A 90 -10.35 1.67 10.95
C VAL A 90 -11.67 1.42 11.66
N ALA A 91 -12.41 0.42 11.22
CA ALA A 91 -13.69 0.13 11.85
C ALA A 91 -13.50 -0.39 13.27
N ALA A 92 -12.45 -1.17 13.51
CA ALA A 92 -12.20 -1.64 14.86
C ALA A 92 -11.85 -0.48 15.80
N PHE A 93 -11.13 0.51 15.28
CA PHE A 93 -10.81 1.68 16.10
C PHE A 93 -12.09 2.44 16.45
N LYS A 94 -12.95 2.67 15.46
N LYS A 94 -12.96 2.64 15.46
CA LYS A 94 -14.21 3.37 15.72
CA LYS A 94 -14.23 3.33 15.66
C LYS A 94 -15.06 2.62 16.73
C LYS A 94 -15.07 2.62 16.70
N ASN A 95 -15.05 1.29 16.69
CA ASN A 95 -15.90 0.49 17.55
C ASN A 95 -15.28 0.24 18.90
N GLY A 96 -14.05 0.69 19.11
N GLY A 96 -14.08 0.74 19.12
CA GLY A 96 -13.35 0.42 20.35
CA GLY A 96 -13.39 0.55 20.39
C GLY A 96 -12.95 -1.03 20.54
C GLY A 96 -12.97 -0.88 20.64
N ASP A 97 -12.73 -1.76 19.45
N ASP A 97 -12.67 -1.66 19.60
CA ASP A 97 -12.36 -3.17 19.52
CA ASP A 97 -12.30 -3.08 19.68
C ASP A 97 -10.84 -3.26 19.37
C ASP A 97 -10.77 -3.14 19.54
N ASP A 98 -10.13 -3.20 20.50
N ASP A 98 -10.07 -3.01 20.65
CA ASP A 98 -8.68 -3.27 20.46
CA ASP A 98 -8.60 -3.02 20.59
C ASP A 98 -8.19 -4.66 20.03
C ASP A 98 -8.05 -4.39 20.26
N ASP A 99 -8.93 -5.71 20.39
N ASP A 99 -8.75 -5.46 20.65
CA ASP A 99 -8.52 -7.05 19.99
CA ASP A 99 -8.29 -6.79 20.31
C ASP A 99 -8.50 -7.19 18.47
C ASP A 99 -8.22 -6.97 18.80
N SER A 100 -9.53 -6.69 17.79
N SER A 100 -9.30 -6.63 18.09
CA SER A 100 -9.56 -6.74 16.33
CA SER A 100 -9.30 -6.72 16.64
C SER A 100 -8.55 -5.76 15.73
C SER A 100 -8.32 -5.74 16.00
N PHE A 101 -8.32 -4.62 16.39
N PHE A 101 -8.21 -4.52 16.55
CA PHE A 101 -7.33 -3.67 15.88
CA PHE A 101 -7.24 -3.58 15.99
C PHE A 101 -5.94 -4.28 15.87
C PHE A 101 -5.83 -4.14 16.02
N GLU A 102 -5.59 -5.04 16.92
N GLU A 102 -5.43 -4.70 17.17
CA GLU A 102 -4.31 -5.73 16.96
CA GLU A 102 -4.10 -5.31 17.28
C GLU A 102 -4.24 -6.79 15.87
C GLU A 102 -3.90 -6.37 16.21
N SER A 103 -5.31 -7.56 15.69
N SER A 103 -4.91 -7.22 16.02
CA SER A 103 -5.31 -8.61 14.69
CA SER A 103 -4.81 -8.33 15.07
C SER A 103 -5.15 -8.03 13.29
C SER A 103 -4.67 -7.81 13.65
N TYR A 104 -5.94 -7.01 12.95
N TYR A 104 -5.47 -6.80 13.31
CA TYR A 104 -5.84 -6.39 11.64
CA TYR A 104 -5.42 -6.24 11.96
C TYR A 104 -4.50 -5.70 11.43
C TYR A 104 -4.10 -5.54 11.71
N LEU A 105 -3.87 -5.23 12.51
N LEU A 105 -3.57 -4.88 12.73
CA LEU A 105 -2.59 -4.56 12.38
CA LEU A 105 -2.24 -4.30 12.57
C LEU A 105 -1.48 -5.54 12.00
C LEU A 105 -1.23 -5.35 12.11
N GLN A 106 -1.44 -6.70 12.65
N GLN A 106 -1.23 -6.51 12.76
CA GLN A 106 -0.44 -7.70 12.29
CA GLN A 106 -0.31 -7.58 12.38
C GLN A 106 -0.67 -8.24 10.90
C GLN A 106 -0.59 -8.08 10.96
N ALA A 107 -1.93 -8.43 10.51
N ALA A 107 -1.87 -8.29 10.63
CA ALA A 107 -2.24 -8.93 9.17
CA ALA A 107 -2.22 -8.76 9.29
C ALA A 107 -1.79 -7.95 8.10
C ALA A 107 -1.80 -7.77 8.21
N LEU A 108 -1.97 -6.64 8.36
N LEU A 108 -1.99 -6.47 8.47
CA LEU A 108 -1.53 -5.65 7.40
CA LEU A 108 -1.65 -5.49 7.46
C LEU A 108 -0.01 -5.60 7.29
C LEU A 108 -0.16 -5.47 7.18
N GLU A 109 0.70 -5.91 8.37
N GLU A 109 0.65 -5.71 8.21
CA GLU A 109 2.16 -5.99 8.31
CA GLU A 109 2.10 -5.78 8.01
C GLU A 109 2.62 -7.18 7.48
C GLU A 109 2.46 -6.93 7.09
N LYS A 110 2.00 -8.34 7.70
N LYS A 110 1.85 -8.09 7.32
CA LYS A 110 2.40 -9.54 6.96
CA LYS A 110 2.19 -9.26 6.52
C LYS A 110 2.03 -9.43 5.49
C LYS A 110 1.70 -9.10 5.08
N VAL A 111 0.87 -8.84 5.18
N VAL A 111 0.51 -8.54 4.87
CA VAL A 111 0.48 -8.64 3.79
CA VAL A 111 0.00 -8.34 3.51
C VAL A 111 1.45 -7.67 3.10
C VAL A 111 0.85 -7.30 2.77
N THR A 112 1.85 -6.62 3.82
N THR A 112 1.26 -6.24 3.45
CA THR A 112 2.79 -5.66 3.24
CA THR A 112 2.14 -5.26 2.83
C THR A 112 4.15 -6.30 3.01
C THR A 112 3.45 -5.90 2.41
N ALA A 113 4.65 -7.07 3.99
N ALA A 113 4.03 -6.74 3.27
CA ALA A 113 5.97 -7.66 3.86
CA ALA A 113 5.28 -7.39 2.90
C ALA A 113 6.02 -8.73 2.78
C ALA A 113 5.09 -8.30 1.67
N LYS A 114 4.91 -9.46 2.56
N LYS A 114 3.95 -9.00 1.62
CA LYS A 114 4.90 -10.50 1.54
CA LYS A 114 3.68 -9.89 0.49
C LYS A 114 5.04 -9.91 0.14
C LYS A 114 3.72 -9.15 -0.83
N GLY A 115 4.42 -8.75 -0.10
N GLY A 115 3.13 -7.97 -0.90
CA GLY A 115 4.39 -8.18 -1.43
CA GLY A 115 3.17 -7.21 -2.13
C GLY A 115 5.49 -7.18 -1.69
C GLY A 115 4.56 -6.71 -2.47
N GLU A 116 6.67 -7.40 -1.11
N GLU A 116 5.35 -6.38 -1.46
CA GLU A 116 7.81 -6.52 -1.36
CA GLU A 116 6.66 -5.77 -1.71
C GLU A 116 8.79 -7.07 -2.39
C GLU A 116 7.63 -6.75 -2.37
N THR A 117 8.91 -8.39 -2.50
N THR A 117 7.37 -8.04 -2.23
CA THR A 117 9.68 -8.95 -3.61
CA THR A 117 8.18 -9.04 -2.93
C THR A 117 9.04 -8.59 -4.94
C THR A 117 8.18 -8.81 -4.44
N LEU A 118 7.70 -8.62 -5.00
N LEU A 118 7.09 -8.24 -4.99
CA LEU A 118 6.99 -8.24 -6.21
CA LEU A 118 6.95 -7.98 -6.42
C LEU A 118 7.12 -6.74 -6.48
C LEU A 118 7.61 -6.67 -6.85
N ALA A 119 7.19 -5.92 -5.43
N ALA A 119 7.93 -5.77 -5.91
CA ALA A 119 7.35 -4.49 -5.62
CA ALA A 119 8.29 -4.40 -6.30
C ALA A 119 8.69 -4.16 -6.27
C ALA A 119 9.55 -4.38 -7.18
N ASP A 120 9.75 -4.89 -5.89
N ASP A 120 10.50 -5.24 -6.87
CA ASP A 120 11.05 -4.67 -6.52
CA ASP A 120 11.78 -5.17 -7.56
C ASP A 120 11.08 -5.23 -7.94
C ASP A 120 11.69 -5.78 -8.96
N GLN A 121 10.30 -6.27 -8.20
N GLN A 121 10.76 -6.70 -9.17
CA GLN A 121 10.24 -6.82 -9.56
CA GLN A 121 10.48 -7.19 -10.52
C GLN A 121 9.65 -5.81 -10.53
C GLN A 121 9.68 -6.17 -11.31
N ILE A 122 8.66 -5.04 -10.08
N ILE A 122 8.78 -5.43 -10.63
CA ILE A 122 7.98 -4.10 -10.98
CA ILE A 122 8.04 -4.37 -11.31
C ILE A 122 8.90 -2.95 -11.34
C ILE A 122 8.99 -3.31 -11.85
N ALA A 123 9.73 -2.51 -10.40
N ALA A 123 9.92 -2.86 -11.01
CA ALA A 123 10.65 -1.40 -10.70
CA ALA A 123 10.81 -1.78 -11.43
C ALA A 123 11.61 -1.76 -11.81
C ALA A 123 11.62 -2.17 -12.67
N LYS A 124 11.99 -3.04 -11.90
N LYS A 124 12.06 -3.43 -12.76
CA LYS A 124 12.90 -3.49 -12.94
CA LYS A 124 12.87 -3.82 -13.90
C LYS A 124 12.18 -3.82 -14.25
C LYS A 124 12.01 -4.11 -15.14
N ALA A 125 10.88 -4.10 -14.18
N ALA A 125 10.70 -4.33 -14.97
CA ALA A 125 10.13 -4.53 -15.36
CA ALA A 125 9.81 -4.60 -16.07
C ALA A 125 9.61 -3.35 -16.18
C ALA A 125 9.30 -3.32 -16.74
N LEU A 126 9.30 -2.23 -15.55
N LEU A 126 9.08 -2.25 -15.98
CA LEU A 126 8.73 -1.09 -16.26
CA LEU A 126 8.32 -1.10 -16.50
C LEU A 126 9.75 -0.47 -17.21
C LEU A 126 8.92 -0.45 -17.72
C10 WB1 B . 0.82 12.53 1.69
C01 WB1 B . -1.46 12.81 2.76
C02 WB1 B . -0.57 12.71 1.53
C03 WB1 B . -1.10 12.74 0.21
C04 WB1 B . -0.27 12.65 -0.91
C05 WB1 B . 1.11 12.50 -0.78
C06 WB1 B . 2.25 12.35 -1.64
C07 WB1 B . 3.36 12.21 -0.87
C09 WB1 B . 1.63 12.44 0.55
C11 WB1 B . 2.25 12.33 -3.12
N08 WB1 B . 2.99 12.24 0.43
O12 WB1 B . 3.33 12.03 -3.69
O13 WB1 B . 1.22 12.62 -3.78
H101 WB1 B . 1.25 12.49 2.68
H011 WB1 B . -0.89 12.81 3.69
H013 WB1 B . -2.05 13.74 2.73
H012 WB1 B . -2.17 11.98 2.78
H031 WB1 B . -2.17 12.89 0.08
H041 WB1 B . -0.71 12.71 -1.88
H071 WB1 B . 4.41 12.08 -1.15
H081 WB1 B . 3.65 12.18 1.21
#